data_1G6I
#
_entry.id   1G6I
#
_cell.length_a   89.052
_cell.length_b   89.052
_cell.length_c   153.142
_cell.angle_alpha   90.00
_cell.angle_beta   90.00
_cell.angle_gamma   120.00
#
_symmetry.space_group_name_H-M   'P 31 2 1'
#
loop_
_entity.id
_entity.type
_entity.pdbx_description
1 polymer 'CLASS I ALPHA-1,2-MANNOSIDASE'
2 branched alpha-D-mannopyranose-(1-3)-[alpha-D-mannopyranose-(1-6)]alpha-D-mannopyranose-(1-6)-[alpha-D-mannopyranose-(1-3)]beta-D-mannopyranose-(1-4)-2-acetamido-2-deoxy-alpha-D-glucopyranose-(1-4)-2-acetamido-2-deoxy-beta-D-glucopyranose
3 branched alpha-D-mannopyranose-(1-3)-[alpha-D-mannopyranose-(1-6)]beta-D-mannopyranose-(1-4)-2-acetamido-2-deoxy-beta-D-glucopyranose-(1-4)-2-acetamido-2-deoxy-beta-D-glucopyranose
4 non-polymer 2-acetamido-2-deoxy-beta-D-glucopyranose
5 non-polymer 'CALCIUM ION'
6 non-polymer 1-DEOXYMANNOJIRIMYCIN
7 water water
#
_entity_poly.entity_id   1
_entity_poly.type   'polypeptide(L)'
_entity_poly.pdbx_seq_one_letter_code
;MKNSVGISIATIVAIIAAIYYVPWYEHFERKSPGAGEMDRDRIESMFLESWRDYSKHGWGYDVYGPIEHTSHNMPRGNQP
LGWIIVDSVDTLMLMYNSSTLYKSEFEAEIQRSEHWINDVLDFDIDAEVNVFETTIRMLGGLLSAYHLSDVLEVGNKTVY
LNKAIDLGDRLALAFLSTQTGIPYSSINLHSGQAVKNHADGGASSTAEFTTLQMEFKYLAYLTGNRTYWELVERVYEPLY
KNNDLLNTYDGLVPIYTFPDTGKFGASTIRFGSRGDSFYEYLLKQYLLTHETLYYDLYRKSMEGMKKHLLAQSKPSSLWY
IGEREQGLQGQLSPKMDHLVCFMGGLLASGSTEGLSIHEARRRPFFSKSDWDLAKGITDTCYQMYKQSSSGLAPEIVVFN
DGNIKQDGWWRSSVGDFFVKPLDRHNLQRPETVESIMFMYHLSHDHKYREWGAEIATSFFENTCVDCNDPKLRRFTSLSD
CITLPTKKSNNMESFWLAETLKYLYILFLDEFDLTKVVFNTEAHPFPVLDEEILKSQSLTTGWSL
;
_entity_poly.pdbx_strand_id   A
#
# COMPACT_ATOMS: atom_id res chain seq x y z
N ALA A 35 -20.34 -6.32 -17.72
CA ALA A 35 -21.27 -6.44 -16.56
C ALA A 35 -20.51 -6.30 -15.25
N GLY A 36 -20.87 -5.28 -14.47
CA GLY A 36 -20.21 -5.05 -13.20
C GLY A 36 -20.31 -6.24 -12.25
N GLU A 37 -21.53 -6.73 -12.04
CA GLU A 37 -21.76 -7.85 -11.15
C GLU A 37 -21.05 -9.11 -11.66
N MET A 38 -20.84 -9.19 -12.97
CA MET A 38 -20.18 -10.34 -13.56
C MET A 38 -18.68 -10.28 -13.29
N ASP A 39 -18.05 -9.15 -13.55
CA ASP A 39 -16.63 -9.02 -13.30
C ASP A 39 -16.42 -9.21 -11.81
N ARG A 40 -17.46 -8.91 -11.05
CA ARG A 40 -17.44 -9.06 -9.61
C ARG A 40 -17.35 -10.56 -9.31
N ASP A 41 -18.18 -11.34 -9.99
CA ASP A 41 -18.18 -12.78 -9.79
C ASP A 41 -16.82 -13.34 -10.16
N ARG A 42 -16.24 -12.79 -11.22
CA ARG A 42 -14.94 -13.24 -11.70
C ARG A 42 -13.83 -12.93 -10.71
N ILE A 43 -13.81 -11.71 -10.19
CA ILE A 43 -12.78 -11.32 -9.22
C ILE A 43 -12.95 -12.14 -7.94
N GLU A 44 -14.20 -12.38 -7.53
CA GLU A 44 -14.46 -13.17 -6.34
C GLU A 44 -14.00 -14.60 -6.58
N SER A 45 -14.15 -15.07 -7.82
CA SER A 45 -13.74 -16.42 -8.18
C SER A 45 -12.24 -16.55 -8.12
N MET A 46 -11.54 -15.56 -8.67
CA MET A 46 -10.09 -15.57 -8.68
C MET A 46 -9.57 -15.60 -7.24
N PHE A 47 -10.18 -14.77 -6.40
CA PHE A 47 -9.78 -14.71 -4.99
C PHE A 47 -10.00 -16.06 -4.31
N LEU A 48 -11.18 -16.64 -4.50
CA LEU A 48 -11.49 -17.91 -3.88
C LEU A 48 -10.60 -19.05 -4.35
N GLU A 49 -10.20 -19.03 -5.62
CA GLU A 49 -9.32 -20.07 -6.13
C GLU A 49 -7.98 -19.96 -5.40
N SER A 50 -7.47 -18.75 -5.23
CA SER A 50 -6.22 -18.55 -4.51
C SER A 50 -6.42 -18.94 -3.05
N TRP A 51 -7.53 -18.49 -2.46
CA TRP A 51 -7.82 -18.78 -1.07
C TRP A 51 -8.04 -20.26 -0.75
N ARG A 52 -8.77 -20.95 -1.62
CA ARG A 52 -9.03 -22.37 -1.43
C ARG A 52 -7.72 -23.14 -1.45
N ASP A 53 -6.85 -22.83 -2.41
CA ASP A 53 -5.57 -23.49 -2.51
C ASP A 53 -4.69 -23.18 -1.30
N TYR A 54 -4.64 -21.92 -0.89
CA TYR A 54 -3.86 -21.53 0.28
C TYR A 54 -4.36 -22.23 1.53
N SER A 55 -5.68 -22.24 1.70
CA SER A 55 -6.28 -22.87 2.87
C SER A 55 -6.03 -24.37 2.90
N LYS A 56 -6.05 -25.00 1.74
CA LYS A 56 -5.86 -26.44 1.66
C LYS A 56 -4.42 -26.87 1.97
N HIS A 57 -3.45 -26.09 1.48
CA HIS A 57 -2.04 -26.46 1.63
C HIS A 57 -1.17 -25.66 2.60
N GLY A 58 -1.42 -24.37 2.74
CA GLY A 58 -0.59 -23.59 3.63
C GLY A 58 -1.31 -22.83 4.73
N TRP A 59 -2.47 -23.34 5.15
CA TRP A 59 -3.23 -22.67 6.18
C TRP A 59 -2.44 -22.38 7.45
N GLY A 60 -2.42 -21.12 7.84
CA GLY A 60 -1.70 -20.71 9.03
C GLY A 60 -0.26 -20.31 8.81
N TYR A 61 0.25 -20.44 7.59
CA TYR A 61 1.63 -20.06 7.31
C TYR A 61 1.79 -18.68 6.68
N ASP A 62 2.88 -18.01 7.04
CA ASP A 62 3.21 -16.66 6.58
C ASP A 62 3.58 -16.56 5.10
N VAL A 63 4.29 -17.57 4.62
CA VAL A 63 4.76 -17.61 3.25
C VAL A 63 4.21 -18.83 2.53
N TYR A 64 3.73 -18.63 1.32
CA TYR A 64 3.15 -19.73 0.58
C TYR A 64 3.47 -19.69 -0.90
N GLY A 65 3.85 -20.85 -1.43
CA GLY A 65 4.17 -20.97 -2.85
C GLY A 65 3.11 -21.81 -3.51
N PRO A 66 2.27 -21.20 -4.38
CA PRO A 66 1.20 -21.92 -5.08
C PRO A 66 1.63 -23.01 -6.05
N ILE A 67 2.78 -22.84 -6.69
CA ILE A 67 3.23 -23.82 -7.65
C ILE A 67 3.48 -25.18 -7.02
N GLU A 68 4.28 -25.22 -5.97
CA GLU A 68 4.61 -26.47 -5.29
C GLU A 68 3.78 -26.69 -4.02
N HIS A 69 2.88 -25.76 -3.72
CA HIS A 69 2.03 -25.83 -2.53
C HIS A 69 2.87 -25.90 -1.25
N THR A 70 3.99 -25.20 -1.24
CA THR A 70 4.89 -25.20 -0.09
C THR A 70 4.68 -23.97 0.80
N SER A 71 5.10 -24.07 2.05
CA SER A 71 4.92 -22.94 2.97
C SER A 71 5.86 -22.98 4.16
N HIS A 72 5.99 -21.82 4.82
CA HIS A 72 6.80 -21.71 6.01
C HIS A 72 6.47 -20.40 6.71
N ASN A 73 6.89 -20.28 7.96
CA ASN A 73 6.67 -19.05 8.70
C ASN A 73 7.94 -18.22 8.72
N MET A 74 7.80 -16.92 8.92
CA MET A 74 8.94 -16.02 8.90
C MET A 74 9.87 -16.06 10.13
N PRO A 75 9.30 -16.09 11.34
CA PRO A 75 10.13 -16.13 12.55
C PRO A 75 11.06 -17.35 12.58
N ARG A 76 12.28 -17.13 13.06
CA ARG A 76 13.26 -18.21 13.16
C ARG A 76 12.71 -19.39 13.97
N GLY A 77 11.80 -19.10 14.89
CA GLY A 77 11.21 -20.14 15.71
C GLY A 77 10.03 -20.88 15.08
N ASN A 78 9.63 -20.44 13.89
CA ASN A 78 8.53 -21.06 13.14
C ASN A 78 7.13 -20.73 13.66
N GLN A 79 7.00 -19.71 14.51
CA GLN A 79 5.67 -19.33 15.00
C GLN A 79 5.08 -18.44 13.91
N PRO A 80 3.78 -18.56 13.65
CA PRO A 80 3.14 -17.74 12.61
C PRO A 80 2.87 -16.29 13.01
N LEU A 81 2.87 -15.41 12.01
CA LEU A 81 2.60 -14.00 12.24
C LEU A 81 1.22 -13.66 11.68
N GLY A 82 0.63 -14.61 10.95
CA GLY A 82 -0.67 -14.39 10.33
C GLY A 82 -0.52 -13.52 9.09
N TRP A 83 0.68 -13.52 8.53
CA TRP A 83 1.01 -12.69 7.37
C TRP A 83 -0.01 -12.68 6.24
N ILE A 84 -0.55 -13.84 5.90
CA ILE A 84 -1.53 -13.91 4.81
C ILE A 84 -2.97 -13.82 5.32
N ILE A 85 -3.28 -14.56 6.39
CA ILE A 85 -4.63 -14.59 6.93
C ILE A 85 -5.11 -13.21 7.40
N VAL A 86 -4.35 -12.58 8.29
CA VAL A 86 -4.71 -11.26 8.81
C VAL A 86 -4.80 -10.21 7.70
N ASP A 87 -3.88 -10.28 6.74
CA ASP A 87 -3.86 -9.33 5.63
C ASP A 87 -5.07 -9.50 4.71
N SER A 88 -5.66 -10.69 4.70
CA SER A 88 -6.79 -10.98 3.82
C SER A 88 -8.19 -10.93 4.41
N VAL A 89 -8.30 -10.91 5.74
CA VAL A 89 -9.61 -10.91 6.39
C VAL A 89 -10.56 -9.84 5.87
N ASP A 90 -10.09 -8.59 5.76
CA ASP A 90 -11.00 -7.56 5.29
C ASP A 90 -11.45 -7.73 3.84
N THR A 91 -10.64 -8.39 3.01
CA THR A 91 -11.07 -8.60 1.63
C THR A 91 -12.20 -9.63 1.67
N LEU A 92 -12.08 -10.61 2.55
CA LEU A 92 -13.12 -11.63 2.69
C LEU A 92 -14.41 -10.95 3.10
N MET A 93 -14.31 -10.01 4.03
CA MET A 93 -15.50 -9.29 4.51
C MET A 93 -16.16 -8.43 3.43
N LEU A 94 -15.35 -7.75 2.63
CA LEU A 94 -15.91 -6.92 1.57
C LEU A 94 -16.63 -7.77 0.53
N MET A 95 -16.02 -8.89 0.15
CA MET A 95 -16.63 -9.77 -0.83
C MET A 95 -17.87 -10.46 -0.28
N TYR A 96 -17.83 -10.83 0.99
CA TYR A 96 -18.96 -11.46 1.65
C TYR A 96 -20.16 -10.51 1.58
N ASN A 97 -19.87 -9.23 1.80
CA ASN A 97 -20.90 -8.20 1.83
C ASN A 97 -21.62 -7.95 0.50
N SER A 98 -21.02 -8.33 -0.62
CA SER A 98 -21.63 -8.09 -1.92
C SER A 98 -21.72 -9.30 -2.84
N SER A 99 -21.24 -10.46 -2.38
CA SER A 99 -21.27 -11.66 -3.19
C SER A 99 -22.67 -12.21 -3.38
N THR A 100 -22.98 -12.65 -4.61
CA THR A 100 -24.28 -13.22 -4.89
C THR A 100 -24.16 -14.71 -5.19
N LEU A 101 -22.93 -15.15 -5.49
CA LEU A 101 -22.68 -16.55 -5.79
C LEU A 101 -21.93 -17.31 -4.69
N TYR A 102 -21.09 -16.62 -3.94
CA TYR A 102 -20.31 -17.30 -2.90
C TYR A 102 -20.43 -16.71 -1.49
N LYS A 103 -21.46 -15.92 -1.25
CA LYS A 103 -21.63 -15.31 0.06
C LYS A 103 -21.41 -16.28 1.21
N SER A 104 -21.99 -17.48 1.10
CA SER A 104 -21.87 -18.48 2.14
C SER A 104 -20.43 -18.95 2.35
N GLU A 105 -19.68 -19.07 1.27
CA GLU A 105 -18.30 -19.52 1.38
C GLU A 105 -17.46 -18.42 2.05
N PHE A 106 -17.68 -17.17 1.65
CA PHE A 106 -16.94 -16.08 2.24
C PHE A 106 -17.22 -15.99 3.74
N GLU A 107 -18.49 -16.19 4.14
CA GLU A 107 -18.83 -16.14 5.55
C GLU A 107 -18.08 -17.19 6.35
N ALA A 108 -18.03 -18.41 5.82
CA ALA A 108 -17.35 -19.51 6.49
C ALA A 108 -15.85 -19.25 6.62
N GLU A 109 -15.26 -18.64 5.59
CA GLU A 109 -13.83 -18.35 5.62
C GLU A 109 -13.51 -17.24 6.63
N ILE A 110 -14.43 -16.29 6.80
CA ILE A 110 -14.20 -15.23 7.76
C ILE A 110 -14.16 -15.89 9.13
N GLN A 111 -15.09 -16.82 9.35
CA GLN A 111 -15.16 -17.56 10.61
C GLN A 111 -13.87 -18.36 10.84
N ARG A 112 -13.42 -19.04 9.80
CA ARG A 112 -12.21 -19.84 9.87
C ARG A 112 -11.05 -18.94 10.27
N SER A 113 -10.91 -17.83 9.54
CA SER A 113 -9.84 -16.88 9.79
C SER A 113 -9.92 -16.30 11.20
N GLU A 114 -11.12 -15.86 11.60
CA GLU A 114 -11.32 -15.27 12.91
C GLU A 114 -10.94 -16.21 14.05
N HIS A 115 -11.40 -17.45 13.97
CA HIS A 115 -11.09 -18.43 15.01
C HIS A 115 -9.59 -18.67 15.10
N TRP A 116 -8.93 -18.74 13.95
CA TRP A 116 -7.48 -18.95 13.94
C TRP A 116 -6.77 -17.75 14.57
N ILE A 117 -7.19 -16.55 14.20
CA ILE A 117 -6.59 -15.33 14.74
C ILE A 117 -6.74 -15.30 16.26
N ASN A 118 -7.91 -15.71 16.75
CA ASN A 118 -8.19 -15.72 18.18
C ASN A 118 -7.51 -16.86 18.95
N ASP A 119 -7.61 -18.07 18.40
CA ASP A 119 -7.08 -19.27 19.05
C ASP A 119 -5.64 -19.71 18.78
N VAL A 120 -5.12 -19.42 17.59
CA VAL A 120 -3.76 -19.85 17.25
C VAL A 120 -2.72 -18.74 17.23
N LEU A 121 -3.00 -17.68 16.48
CA LEU A 121 -2.08 -16.56 16.36
C LEU A 121 -1.66 -16.05 17.73
N ASP A 122 -0.37 -15.84 17.92
CA ASP A 122 0.16 -15.36 19.19
C ASP A 122 1.37 -14.48 18.89
N PHE A 123 1.24 -13.18 19.13
CA PHE A 123 2.36 -12.29 18.84
C PHE A 123 3.46 -12.22 19.90
N ASP A 124 3.33 -13.04 20.94
CA ASP A 124 4.38 -13.07 21.96
C ASP A 124 5.43 -14.02 21.38
N ILE A 125 6.15 -13.52 20.38
CA ILE A 125 7.16 -14.29 19.66
C ILE A 125 8.57 -13.75 19.87
N ASP A 126 9.49 -14.63 20.24
CA ASP A 126 10.87 -14.20 20.42
C ASP A 126 11.51 -14.17 19.04
N ALA A 127 11.28 -13.07 18.33
CA ALA A 127 11.82 -12.89 16.99
C ALA A 127 11.76 -11.42 16.61
N GLU A 128 12.71 -10.99 15.79
CA GLU A 128 12.76 -9.60 15.36
C GLU A 128 11.95 -9.45 14.08
N VAL A 129 11.07 -8.46 14.06
CA VAL A 129 10.24 -8.21 12.89
C VAL A 129 10.38 -6.75 12.47
N ASN A 130 10.14 -6.49 11.19
CA ASN A 130 10.26 -5.13 10.70
C ASN A 130 9.03 -4.39 11.20
N VAL A 131 9.25 -3.26 11.88
CA VAL A 131 8.17 -2.47 12.45
C VAL A 131 7.18 -2.01 11.36
N PHE A 132 7.72 -1.48 10.28
CA PHE A 132 6.88 -0.99 9.18
C PHE A 132 5.96 -2.07 8.60
N GLU A 133 6.53 -3.17 8.12
CA GLU A 133 5.72 -4.24 7.54
C GLU A 133 4.69 -4.78 8.51
N THR A 134 5.10 -5.05 9.73
CA THR A 134 4.17 -5.62 10.70
C THR A 134 3.07 -4.62 11.02
N THR A 135 3.39 -3.33 11.04
CA THR A 135 2.39 -2.30 11.33
C THR A 135 1.38 -2.16 10.18
N ILE A 136 1.86 -2.05 8.95
CA ILE A 136 0.92 -1.86 7.85
C ILE A 136 0.11 -3.09 7.48
N ARG A 137 0.69 -4.27 7.61
CA ARG A 137 0.00 -5.49 7.26
C ARG A 137 -0.79 -6.13 8.40
N MET A 138 -0.12 -6.42 9.52
CA MET A 138 -0.79 -7.05 10.64
C MET A 138 -1.61 -6.10 11.51
N LEU A 139 -0.99 -5.02 12.00
CA LEU A 139 -1.74 -4.08 12.83
C LEU A 139 -2.87 -3.47 12.01
N GLY A 140 -2.54 -3.03 10.80
CA GLY A 140 -3.54 -2.44 9.92
C GLY A 140 -4.65 -3.41 9.56
N GLY A 141 -4.29 -4.65 9.25
CA GLY A 141 -5.29 -5.64 8.88
C GLY A 141 -6.23 -5.97 10.02
N LEU A 142 -5.71 -6.00 11.24
CA LEU A 142 -6.56 -6.29 12.39
C LEU A 142 -7.51 -5.12 12.63
N LEU A 143 -7.01 -3.91 12.43
CA LEU A 143 -7.83 -2.71 12.63
C LEU A 143 -8.94 -2.60 11.61
N SER A 144 -8.66 -2.90 10.35
CA SER A 144 -9.69 -2.84 9.33
C SER A 144 -10.67 -4.00 9.47
N ALA A 145 -10.20 -5.13 9.98
CA ALA A 145 -11.09 -6.28 10.19
C ALA A 145 -12.08 -5.89 11.28
N TYR A 146 -11.59 -5.16 12.28
CA TYR A 146 -12.45 -4.70 13.36
C TYR A 146 -13.49 -3.74 12.78
N HIS A 147 -13.02 -2.80 11.97
CA HIS A 147 -13.90 -1.79 11.38
C HIS A 147 -15.01 -2.43 10.55
N LEU A 148 -14.64 -3.25 9.58
CA LEU A 148 -15.62 -3.90 8.73
C LEU A 148 -16.53 -4.85 9.49
N SER A 149 -15.97 -5.53 10.50
CA SER A 149 -16.77 -6.45 11.30
C SER A 149 -17.86 -5.62 11.99
N ASP A 150 -17.46 -4.42 12.43
CA ASP A 150 -18.35 -3.51 13.12
C ASP A 150 -19.44 -2.94 12.21
N VAL A 151 -19.03 -2.34 11.09
CA VAL A 151 -19.96 -1.73 10.17
C VAL A 151 -20.74 -2.70 9.27
N LEU A 152 -20.21 -3.90 9.08
CA LEU A 152 -20.87 -4.90 8.24
C LEU A 152 -21.61 -5.92 9.11
N GLU A 153 -21.35 -5.87 10.41
CA GLU A 153 -21.97 -6.77 11.39
C GLU A 153 -21.76 -8.24 11.07
N VAL A 154 -20.50 -8.62 10.87
CA VAL A 154 -20.15 -10.00 10.59
C VAL A 154 -18.94 -10.34 11.44
N GLY A 155 -19.00 -11.48 12.13
CA GLY A 155 -17.90 -11.88 12.98
C GLY A 155 -17.93 -11.18 14.33
N ASN A 156 -16.87 -11.35 15.10
CA ASN A 156 -16.76 -10.75 16.42
C ASN A 156 -15.65 -9.70 16.40
N LYS A 157 -16.02 -8.44 16.21
CA LYS A 157 -15.05 -7.35 16.15
C LYS A 157 -14.07 -7.34 17.31
N THR A 158 -14.53 -7.75 18.49
CA THR A 158 -13.68 -7.75 19.68
C THR A 158 -12.42 -8.59 19.51
N VAL A 159 -12.52 -9.67 18.77
CA VAL A 159 -11.38 -10.54 18.53
C VAL A 159 -10.25 -9.74 17.89
N TYR A 160 -10.59 -8.98 16.85
CA TYR A 160 -9.62 -8.17 16.12
C TYR A 160 -9.06 -7.02 16.94
N LEU A 161 -9.93 -6.30 17.65
CA LEU A 161 -9.49 -5.17 18.44
C LEU A 161 -8.53 -5.61 19.55
N ASN A 162 -8.86 -6.70 20.24
CA ASN A 162 -8.01 -7.20 21.31
C ASN A 162 -6.64 -7.59 20.76
N LYS A 163 -6.62 -8.21 19.59
CA LYS A 163 -5.37 -8.63 18.97
C LYS A 163 -4.58 -7.38 18.57
N ALA A 164 -5.29 -6.38 18.06
CA ALA A 164 -4.64 -5.14 17.64
C ALA A 164 -4.02 -4.39 18.81
N ILE A 165 -4.68 -4.41 19.97
CA ILE A 165 -4.15 -3.71 21.13
C ILE A 165 -2.83 -4.34 21.58
N ASP A 166 -2.80 -5.67 21.63
CA ASP A 166 -1.61 -6.41 22.05
C ASP A 166 -0.45 -6.23 21.07
N LEU A 167 -0.72 -6.33 19.78
CA LEU A 167 0.33 -6.16 18.78
C LEU A 167 0.80 -4.71 18.78
N GLY A 168 -0.16 -3.79 18.87
CA GLY A 168 0.18 -2.38 18.90
C GLY A 168 1.12 -2.05 20.05
N ASP A 169 0.91 -2.71 21.19
CA ASP A 169 1.78 -2.46 22.34
C ASP A 169 3.19 -2.98 22.11
N ARG A 170 3.28 -4.14 21.45
CA ARG A 170 4.58 -4.74 21.15
C ARG A 170 5.37 -3.89 20.17
N LEU A 171 4.68 -3.37 19.16
CA LEU A 171 5.30 -2.53 18.14
C LEU A 171 5.66 -1.14 18.68
N ALA A 172 4.81 -0.61 19.55
CA ALA A 172 5.00 0.72 20.12
C ALA A 172 6.31 0.87 20.89
N LEU A 173 6.85 -0.24 21.38
CA LEU A 173 8.09 -0.20 22.12
C LEU A 173 9.24 0.30 21.24
N ALA A 174 9.06 0.22 19.93
CA ALA A 174 10.10 0.67 19.00
C ALA A 174 10.36 2.16 19.14
N PHE A 175 9.36 2.94 19.56
CA PHE A 175 9.54 4.37 19.70
C PHE A 175 10.34 4.81 20.93
N LEU A 176 10.69 3.87 21.79
CA LEU A 176 11.45 4.19 22.99
C LEU A 176 12.95 4.00 22.84
N SER A 177 13.41 3.66 21.64
CA SER A 177 14.83 3.41 21.40
C SER A 177 15.73 4.62 21.26
N THR A 178 15.27 5.67 20.57
CA THR A 178 16.10 6.86 20.36
C THR A 178 15.53 8.10 21.04
N GLN A 179 16.35 9.15 21.10
CA GLN A 179 15.92 10.40 21.71
C GLN A 179 14.99 11.19 20.78
N THR A 180 15.20 11.02 19.47
CA THR A 180 14.38 11.72 18.48
C THR A 180 12.98 11.15 18.41
N GLY A 181 12.83 9.89 18.78
CA GLY A 181 11.53 9.25 18.73
C GLY A 181 11.40 8.45 17.44
N ILE A 182 12.41 8.58 16.57
CA ILE A 182 12.41 7.84 15.30
C ILE A 182 12.89 6.44 15.64
N PRO A 183 12.09 5.43 15.29
CA PRO A 183 12.43 4.03 15.58
C PRO A 183 13.44 3.35 14.67
N TYR A 184 14.14 2.36 15.22
CA TYR A 184 15.08 1.57 14.45
C TYR A 184 14.16 0.68 13.60
N SER A 185 14.69 0.08 12.56
CA SER A 185 13.89 -0.75 11.66
C SER A 185 13.15 -1.95 12.25
N SER A 186 13.77 -2.67 13.18
CA SER A 186 13.11 -3.86 13.71
C SER A 186 12.97 -3.93 15.22
N ILE A 187 12.06 -4.78 15.67
CA ILE A 187 11.83 -4.97 17.08
C ILE A 187 11.49 -6.42 17.41
N ASN A 188 11.88 -6.85 18.61
CA ASN A 188 11.59 -8.21 19.05
C ASN A 188 10.22 -8.14 19.70
N LEU A 189 9.28 -8.92 19.19
CA LEU A 189 7.91 -8.90 19.70
C LEU A 189 7.75 -9.38 21.15
N HIS A 190 8.67 -10.19 21.62
CA HIS A 190 8.57 -10.69 22.99
C HIS A 190 9.31 -9.84 24.01
N SER A 191 10.54 -9.45 23.70
CA SER A 191 11.36 -8.67 24.62
C SER A 191 11.18 -7.16 24.52
N GLY A 192 10.87 -6.67 23.32
CA GLY A 192 10.70 -5.25 23.16
C GLY A 192 12.02 -4.58 22.80
N GLN A 193 13.05 -5.39 22.55
CA GLN A 193 14.36 -4.86 22.20
C GLN A 193 14.38 -4.42 20.74
N ALA A 194 14.81 -3.18 20.50
CA ALA A 194 14.87 -2.63 19.16
C ALA A 194 16.22 -2.91 18.50
N VAL A 195 16.23 -3.01 17.17
CA VAL A 195 17.45 -3.28 16.42
C VAL A 195 17.51 -2.45 15.13
N LYS A 196 18.60 -1.72 14.97
CA LYS A 196 18.81 -0.87 13.80
C LYS A 196 18.89 -1.62 12.47
N ASN A 197 18.77 -0.86 11.38
CA ASN A 197 18.87 -1.42 10.04
C ASN A 197 20.25 -2.03 9.91
N HIS A 198 20.32 -3.26 9.41
CA HIS A 198 21.60 -3.94 9.24
C HIS A 198 22.54 -3.14 8.36
N ALA A 199 22.05 -2.72 7.20
CA ALA A 199 22.86 -1.95 6.26
C ALA A 199 22.55 -0.46 6.30
N ASP A 200 23.06 0.24 5.29
CA ASP A 200 22.84 1.68 5.15
C ASP A 200 23.41 2.49 6.31
N GLY A 201 24.55 2.04 6.83
CA GLY A 201 25.18 2.75 7.93
C GLY A 201 24.29 2.83 9.16
N GLY A 202 23.30 1.96 9.24
CA GLY A 202 22.40 1.94 10.38
C GLY A 202 21.23 2.90 10.27
N ALA A 203 21.08 3.54 9.12
CA ALA A 203 19.97 4.48 8.94
C ALA A 203 18.67 3.73 8.74
N SER A 204 17.57 4.39 9.06
CA SER A 204 16.25 3.81 8.88
C SER A 204 15.73 4.32 7.55
N SER A 205 14.81 3.58 6.93
CA SER A 205 14.23 3.99 5.67
C SER A 205 13.17 5.02 6.04
N THR A 206 13.22 6.17 5.39
CA THR A 206 12.32 7.27 5.69
C THR A 206 10.84 6.89 5.69
N ALA A 207 10.39 6.19 4.66
CA ALA A 207 8.99 5.78 4.59
C ALA A 207 8.62 4.81 5.71
N GLU A 208 9.58 4.01 6.19
CA GLU A 208 9.27 3.02 7.21
C GLU A 208 8.78 3.59 8.55
N PHE A 209 9.23 4.80 8.93
CA PHE A 209 8.73 5.34 10.18
C PHE A 209 7.73 6.47 9.95
N THR A 210 7.39 6.70 8.68
CA THR A 210 6.41 7.73 8.32
C THR A 210 5.22 7.08 7.63
N THR A 211 5.09 5.76 7.84
CA THR A 211 3.96 5.01 7.30
C THR A 211 3.43 4.11 8.41
N LEU A 212 3.36 4.68 9.62
CA LEU A 212 2.86 3.96 10.80
C LEU A 212 1.77 4.79 11.48
N GLN A 213 1.57 6.01 10.98
CA GLN A 213 0.63 6.96 11.59
C GLN A 213 -0.87 6.65 11.54
N MET A 214 -1.39 6.19 10.40
CA MET A 214 -2.84 5.89 10.35
C MET A 214 -3.17 4.77 11.32
N GLU A 215 -2.31 3.76 11.36
CA GLU A 215 -2.49 2.60 12.20
C GLU A 215 -2.48 2.91 13.69
N PHE A 216 -1.46 3.61 14.16
CA PHE A 216 -1.39 3.94 15.57
C PHE A 216 -2.38 5.01 15.99
N LYS A 217 -2.73 5.92 15.09
CA LYS A 217 -3.70 6.95 15.44
C LYS A 217 -5.10 6.35 15.54
N TYR A 218 -5.44 5.43 14.63
CA TYR A 218 -6.77 4.81 14.70
C TYR A 218 -6.85 3.97 15.98
N LEU A 219 -5.75 3.33 16.34
CA LEU A 219 -5.70 2.52 17.56
C LEU A 219 -5.88 3.42 18.78
N ALA A 220 -5.33 4.63 18.72
CA ALA A 220 -5.46 5.57 19.85
C ALA A 220 -6.94 5.97 19.95
N TYR A 221 -7.55 6.19 18.79
CA TYR A 221 -8.94 6.59 18.69
C TYR A 221 -9.89 5.55 19.29
N LEU A 222 -9.60 4.28 19.02
CA LEU A 222 -10.44 3.19 19.50
C LEU A 222 -10.24 2.86 20.99
N THR A 223 -9.02 3.03 21.46
CA THR A 223 -8.69 2.73 22.85
C THR A 223 -8.76 3.93 23.78
N GLY A 224 -8.61 5.13 23.23
CA GLY A 224 -8.63 6.31 24.06
C GLY A 224 -7.23 6.50 24.63
N ASN A 225 -6.31 5.66 24.19
CA ASN A 225 -4.93 5.73 24.66
C ASN A 225 -4.14 6.70 23.79
N ARG A 226 -3.90 7.89 24.31
CA ARG A 226 -3.16 8.93 23.59
C ARG A 226 -1.70 8.59 23.31
N THR A 227 -1.13 7.67 24.08
CA THR A 227 0.27 7.32 23.91
C THR A 227 0.60 6.87 22.47
N TYR A 228 -0.26 6.06 21.88
CA TYR A 228 -0.02 5.59 20.51
C TYR A 228 0.11 6.77 19.57
N TRP A 229 -0.80 7.72 19.71
CA TRP A 229 -0.84 8.91 18.88
C TRP A 229 0.40 9.79 19.08
N GLU A 230 0.75 10.06 20.34
CA GLU A 230 1.90 10.88 20.66
C GLU A 230 3.21 10.31 20.14
N LEU A 231 3.39 9.00 20.31
CA LEU A 231 4.63 8.38 19.84
C LEU A 231 4.77 8.42 18.32
N VAL A 232 3.70 8.12 17.59
CA VAL A 232 3.80 8.09 16.13
C VAL A 232 3.91 9.47 15.47
N GLU A 233 3.38 10.51 16.10
CA GLU A 233 3.45 11.84 15.52
C GLU A 233 4.81 12.50 15.79
N ARG A 234 5.51 12.01 16.82
CA ARG A 234 6.80 12.55 17.23
C ARG A 234 7.91 12.54 16.19
N VAL A 235 7.88 11.57 15.27
CA VAL A 235 8.93 11.45 14.25
C VAL A 235 9.09 12.61 13.28
N TYR A 236 8.02 13.38 13.06
CA TYR A 236 8.08 14.47 12.08
C TYR A 236 8.92 15.69 12.44
N GLU A 237 8.81 16.16 13.68
CA GLU A 237 9.56 17.34 14.07
C GLU A 237 11.06 17.22 13.78
N PRO A 238 11.74 16.18 14.31
CA PRO A 238 13.17 16.10 14.01
C PRO A 238 13.43 15.95 12.51
N LEU A 239 12.56 15.21 11.83
CA LEU A 239 12.72 15.01 10.40
C LEU A 239 12.70 16.33 9.64
N TYR A 240 11.71 17.17 9.94
CA TYR A 240 11.59 18.45 9.27
C TYR A 240 12.56 19.53 9.73
N LYS A 241 12.74 19.61 11.05
CA LYS A 241 13.60 20.60 11.66
C LYS A 241 15.10 20.37 11.46
N ASN A 242 15.56 19.17 11.77
CA ASN A 242 16.98 18.83 11.66
C ASN A 242 17.53 18.80 10.24
N ASN A 243 16.65 18.70 9.25
CA ASN A 243 17.08 18.64 7.86
C ASN A 243 16.67 19.84 7.02
N ASP A 244 15.93 20.77 7.62
CA ASP A 244 15.45 21.93 6.88
C ASP A 244 14.77 21.36 5.64
N LEU A 245 13.89 20.38 5.88
CA LEU A 245 13.18 19.68 4.82
C LEU A 245 12.38 20.57 3.86
N LEU A 246 11.60 21.50 4.38
CA LEU A 246 10.81 22.37 3.50
C LEU A 246 11.66 23.31 2.66
N ASN A 247 12.55 24.04 3.30
CA ASN A 247 13.39 25.00 2.59
C ASN A 247 14.44 24.38 1.68
N THR A 248 15.27 23.51 2.24
CA THR A 248 16.34 22.88 1.48
C THR A 248 15.92 21.80 0.49
N TYR A 249 14.99 20.92 0.88
CA TYR A 249 14.56 19.85 0.00
C TYR A 249 13.22 20.02 -0.67
N ASP A 250 12.56 21.17 -0.46
CA ASP A 250 11.27 21.41 -1.06
C ASP A 250 10.30 20.29 -0.72
N GLY A 251 10.41 19.76 0.49
CA GLY A 251 9.52 18.69 0.93
C GLY A 251 9.79 17.32 0.35
N LEU A 252 10.91 17.13 -0.35
CA LEU A 252 11.23 15.84 -0.93
C LEU A 252 12.27 15.13 -0.06
N VAL A 253 11.94 13.93 0.40
CA VAL A 253 12.81 13.21 1.30
C VAL A 253 13.79 12.16 0.79
N PRO A 254 15.05 12.23 1.23
CA PRO A 254 16.02 11.23 0.81
C PRO A 254 15.47 9.97 1.48
N ILE A 255 15.70 8.80 0.91
CA ILE A 255 15.15 7.56 1.47
C ILE A 255 15.74 7.02 2.76
N TYR A 256 16.85 7.59 3.23
CA TYR A 256 17.44 7.13 4.49
C TYR A 256 17.60 8.25 5.49
N THR A 257 17.26 7.96 6.74
CA THR A 257 17.35 8.91 7.83
C THR A 257 17.95 8.21 9.04
N PHE A 258 19.01 8.79 9.61
CA PHE A 258 19.62 8.21 10.80
C PHE A 258 18.69 8.50 11.98
N PRO A 259 18.23 7.46 12.67
CA PRO A 259 17.33 7.59 13.81
C PRO A 259 17.83 8.34 15.04
N ASP A 260 19.13 8.22 15.35
CA ASP A 260 19.67 8.89 16.52
C ASP A 260 19.82 10.40 16.35
N THR A 261 20.04 10.84 15.11
CA THR A 261 20.22 12.26 14.85
C THR A 261 19.03 12.88 14.14
N GLY A 262 18.27 12.02 13.44
CA GLY A 262 17.12 12.50 12.70
C GLY A 262 17.55 13.12 11.39
N LYS A 263 18.85 13.04 11.07
CA LYS A 263 19.37 13.62 9.84
C LYS A 263 19.40 12.64 8.67
N PHE A 264 19.12 13.16 7.48
CA PHE A 264 19.13 12.36 6.26
C PHE A 264 20.52 11.86 5.94
N GLY A 265 20.58 10.64 5.41
CA GLY A 265 21.85 10.08 5.02
C GLY A 265 21.97 10.33 3.54
N ALA A 266 23.20 10.45 3.03
CA ALA A 266 23.38 10.68 1.60
C ALA A 266 22.64 9.54 0.91
N SER A 267 21.56 9.89 0.20
CA SER A 267 20.79 8.85 -0.47
C SER A 267 19.89 9.41 -1.56
N THR A 268 19.28 8.51 -2.31
CA THR A 268 18.41 8.87 -3.40
C THR A 268 17.09 9.46 -2.93
N ILE A 269 16.55 10.38 -3.73
CA ILE A 269 15.26 10.99 -3.45
C ILE A 269 14.37 10.37 -4.52
N ARG A 270 13.38 9.58 -4.09
CA ARG A 270 12.49 8.92 -5.04
C ARG A 270 11.14 8.66 -4.39
N PHE A 271 10.13 8.53 -5.23
CA PHE A 271 8.78 8.23 -4.76
C PHE A 271 8.58 6.73 -4.81
N GLY A 272 9.66 6.00 -5.07
CA GLY A 272 9.60 4.54 -5.11
C GLY A 272 9.80 3.98 -3.72
N SER A 273 10.27 2.74 -3.62
CA SER A 273 10.47 2.14 -2.30
C SER A 273 11.29 3.01 -1.35
N ARG A 274 10.90 2.97 -0.08
CA ARG A 274 11.52 3.69 1.02
C ARG A 274 11.22 5.19 1.07
N GLY A 275 10.52 5.67 0.04
CA GLY A 275 10.13 7.08 0.00
C GLY A 275 8.63 7.21 -0.16
N ASP A 276 8.08 6.52 -1.17
CA ASP A 276 6.65 6.55 -1.47
C ASP A 276 5.61 6.87 -0.40
N SER A 277 5.46 5.99 0.58
CA SER A 277 4.43 6.19 1.59
C SER A 277 4.60 7.31 2.60
N PHE A 278 5.75 7.98 2.59
CA PHE A 278 5.94 9.11 3.47
C PHE A 278 4.93 10.15 2.99
N TYR A 279 4.88 10.32 1.67
CA TYR A 279 3.97 11.30 1.07
C TYR A 279 2.53 10.85 1.23
N GLU A 280 2.32 9.55 1.04
CA GLU A 280 1.00 8.95 1.16
C GLU A 280 0.35 9.27 2.51
N TYR A 281 1.09 9.03 3.60
CA TYR A 281 0.52 9.26 4.91
C TYR A 281 0.43 10.71 5.37
N LEU A 282 1.04 11.64 4.63
CA LEU A 282 0.91 13.04 4.98
C LEU A 282 -0.55 13.36 4.64
N LEU A 283 -0.94 13.05 3.42
CA LEU A 283 -2.32 13.30 2.99
C LEU A 283 -3.32 12.44 3.75
N LYS A 284 -3.06 11.13 3.83
CA LYS A 284 -4.01 10.25 4.48
C LYS A 284 -4.27 10.59 5.94
N GLN A 285 -3.31 11.19 6.64
CA GLN A 285 -3.57 11.54 8.03
C GLN A 285 -4.62 12.64 8.02
N TYR A 286 -4.47 13.61 7.12
CA TYR A 286 -5.44 14.69 7.02
C TYR A 286 -6.83 14.13 6.71
N LEU A 287 -6.90 13.21 5.76
CA LEU A 287 -8.20 12.62 5.40
C LEU A 287 -8.82 11.83 6.54
N LEU A 288 -7.96 11.24 7.38
CA LEU A 288 -8.42 10.42 8.49
C LEU A 288 -8.76 11.17 9.77
N THR A 289 -7.90 12.09 10.18
CA THR A 289 -8.08 12.84 11.42
C THR A 289 -8.46 14.31 11.26
N HIS A 290 -8.39 14.82 10.04
CA HIS A 290 -8.71 16.23 9.77
C HIS A 290 -7.63 17.20 10.27
N GLU A 291 -6.45 16.68 10.57
CA GLU A 291 -5.36 17.55 11.05
C GLU A 291 -4.79 18.27 9.82
N THR A 292 -5.11 19.56 9.70
CA THR A 292 -4.65 20.34 8.55
C THR A 292 -3.14 20.46 8.36
N LEU A 293 -2.37 20.39 9.44
CA LEU A 293 -0.92 20.49 9.28
C LEU A 293 -0.40 19.50 8.25
N TYR A 294 -0.90 18.26 8.28
CA TYR A 294 -0.43 17.27 7.34
C TYR A 294 -0.84 17.54 5.91
N TYR A 295 -1.96 18.23 5.71
CA TYR A 295 -2.35 18.57 4.35
C TYR A 295 -1.38 19.63 3.84
N ASP A 296 -1.08 20.60 4.70
CA ASP A 296 -0.16 21.66 4.33
C ASP A 296 1.20 21.06 3.98
N LEU A 297 1.65 20.09 4.78
CA LEU A 297 2.93 19.45 4.49
C LEU A 297 2.85 18.69 3.18
N TYR A 298 1.73 18.01 2.96
CA TYR A 298 1.49 17.25 1.74
C TYR A 298 1.58 18.19 0.52
N ARG A 299 0.91 19.33 0.62
CA ARG A 299 0.91 20.32 -0.46
C ARG A 299 2.33 20.71 -0.82
N LYS A 300 3.14 21.00 0.19
CA LYS A 300 4.52 21.39 -0.03
C LYS A 300 5.29 20.31 -0.80
N SER A 301 5.13 19.05 -0.39
CA SER A 301 5.83 17.97 -1.07
C SER A 301 5.36 17.76 -2.51
N MET A 302 4.06 17.92 -2.75
CA MET A 302 3.53 17.75 -4.09
C MET A 302 4.05 18.83 -5.03
N GLU A 303 4.14 20.07 -4.54
CA GLU A 303 4.64 21.14 -5.40
C GLU A 303 6.12 20.89 -5.67
N GLY A 304 6.82 20.40 -4.65
CA GLY A 304 8.23 20.09 -4.82
C GLY A 304 8.41 18.98 -5.84
N MET A 305 7.54 17.98 -5.75
CA MET A 305 7.57 16.84 -6.68
C MET A 305 7.34 17.30 -8.11
N LYS A 306 6.39 18.23 -8.30
CA LYS A 306 6.10 18.73 -9.64
C LYS A 306 7.28 19.53 -10.17
N LYS A 307 7.95 20.23 -9.27
CA LYS A 307 9.08 21.07 -9.62
C LYS A 307 10.36 20.29 -9.96
N HIS A 308 10.67 19.28 -9.16
CA HIS A 308 11.91 18.52 -9.37
C HIS A 308 11.86 17.12 -9.95
N LEU A 309 10.75 16.43 -9.82
CA LEU A 309 10.67 15.05 -10.29
C LEU A 309 9.79 14.73 -11.48
N LEU A 310 8.92 15.67 -11.86
CA LEU A 310 8.00 15.42 -12.96
C LEU A 310 8.61 15.63 -14.34
N ALA A 311 8.24 14.75 -15.27
CA ALA A 311 8.72 14.80 -16.64
C ALA A 311 7.79 14.00 -17.54
N GLN A 312 8.01 14.07 -18.84
CA GLN A 312 7.17 13.33 -19.78
C GLN A 312 8.00 12.48 -20.73
N SER A 313 7.49 11.31 -21.06
CA SER A 313 8.19 10.38 -21.94
C SER A 313 7.95 10.68 -23.41
N LYS A 314 8.67 9.95 -24.25
CA LYS A 314 8.57 10.05 -25.69
C LYS A 314 8.18 8.66 -26.15
N PRO A 315 7.34 8.55 -27.18
CA PRO A 315 6.73 9.67 -27.92
C PRO A 315 5.30 10.03 -27.47
N SER A 316 4.79 9.32 -26.47
CA SER A 316 3.42 9.57 -26.00
C SER A 316 3.26 10.68 -24.97
N SER A 317 4.36 11.29 -24.55
CA SER A 317 4.31 12.36 -23.56
C SER A 317 3.60 11.93 -22.28
N LEU A 318 3.87 10.71 -21.84
CA LEU A 318 3.26 10.19 -20.62
C LEU A 318 3.95 10.80 -19.40
N TRP A 319 3.16 11.30 -18.46
CA TRP A 319 3.71 11.90 -17.25
C TRP A 319 4.26 10.82 -16.33
N TYR A 320 5.44 11.07 -15.79
CA TYR A 320 6.05 10.13 -14.86
C TYR A 320 6.84 10.89 -13.82
N ILE A 321 7.10 10.23 -12.69
CA ILE A 321 7.87 10.83 -11.61
C ILE A 321 9.20 10.12 -11.60
N GLY A 322 10.28 10.89 -11.80
CA GLY A 322 11.61 10.32 -11.83
C GLY A 322 12.32 10.39 -10.49
N GLU A 323 13.59 9.98 -10.49
CA GLU A 323 14.39 9.99 -9.27
C GLU A 323 15.56 10.95 -9.37
N ARG A 324 16.06 11.36 -8.21
CA ARG A 324 17.21 12.25 -8.10
C ARG A 324 18.21 11.52 -7.22
N GLU A 325 19.15 10.81 -7.84
CA GLU A 325 20.14 10.04 -7.08
C GLU A 325 21.21 10.91 -6.42
N GLN A 326 21.44 12.09 -6.96
CA GLN A 326 22.44 13.00 -6.42
C GLN A 326 21.86 14.36 -6.03
N GLY A 327 20.95 14.36 -5.05
CA GLY A 327 20.35 15.60 -4.62
C GLY A 327 19.48 16.22 -5.69
N LEU A 328 18.86 17.36 -5.37
CA LEU A 328 18.00 18.04 -6.31
C LEU A 328 18.82 18.73 -7.41
N GLN A 329 20.11 18.90 -7.14
CA GLN A 329 21.00 19.55 -8.10
C GLN A 329 21.56 18.59 -9.14
N GLY A 330 21.38 17.29 -8.90
CA GLY A 330 21.87 16.29 -9.84
C GLY A 330 20.94 16.10 -11.02
N GLN A 331 21.19 15.08 -11.83
CA GLN A 331 20.36 14.79 -12.99
C GLN A 331 19.08 14.07 -12.58
N LEU A 332 18.08 14.08 -13.45
CA LEU A 332 16.83 13.42 -13.17
C LEU A 332 16.80 12.05 -13.84
N SER A 333 16.64 10.99 -13.05
CA SER A 333 16.60 9.64 -13.59
C SER A 333 15.18 9.27 -13.99
N PRO A 334 15.01 8.71 -15.20
CA PRO A 334 13.70 8.31 -15.70
C PRO A 334 13.23 6.96 -15.19
N LYS A 335 14.00 6.37 -14.26
CA LYS A 335 13.64 5.08 -13.69
C LYS A 335 12.48 5.27 -12.72
N MET A 336 11.48 4.39 -12.80
CA MET A 336 10.33 4.49 -11.91
C MET A 336 9.81 3.15 -11.42
N ASP A 337 9.74 2.99 -10.10
CA ASP A 337 9.23 1.78 -9.47
C ASP A 337 7.74 1.68 -9.74
N HIS A 338 7.24 0.46 -9.91
CA HIS A 338 5.81 0.27 -10.11
C HIS A 338 5.13 0.82 -8.86
N LEU A 339 5.86 0.81 -7.75
CA LEU A 339 5.36 1.31 -6.47
C LEU A 339 4.87 2.76 -6.57
N VAL A 340 5.47 3.54 -7.45
CA VAL A 340 5.09 4.94 -7.60
C VAL A 340 3.66 5.11 -8.12
N CYS A 341 3.17 4.08 -8.82
CA CYS A 341 1.83 4.13 -9.41
C CYS A 341 0.67 4.42 -8.46
N PHE A 342 0.89 4.32 -7.15
CA PHE A 342 -0.18 4.61 -6.20
C PHE A 342 -0.46 6.11 -6.22
N MET A 343 0.44 6.89 -6.81
CA MET A 343 0.29 8.33 -6.88
C MET A 343 -0.96 8.81 -7.60
N GLY A 344 -1.44 8.04 -8.55
CA GLY A 344 -2.64 8.43 -9.26
C GLY A 344 -3.78 8.59 -8.25
N GLY A 345 -4.02 7.54 -7.49
CA GLY A 345 -5.08 7.55 -6.48
C GLY A 345 -4.87 8.56 -5.38
N LEU A 346 -3.62 8.74 -4.95
CA LEU A 346 -3.33 9.69 -3.89
C LEU A 346 -3.67 11.10 -4.34
N LEU A 347 -3.15 11.49 -5.51
CA LEU A 347 -3.38 12.82 -6.05
C LEU A 347 -4.88 13.07 -6.24
N ALA A 348 -5.60 12.09 -6.77
CA ALA A 348 -7.04 12.24 -7.00
C ALA A 348 -7.77 12.36 -5.66
N SER A 349 -7.36 11.56 -4.68
CA SER A 349 -7.97 11.58 -3.35
C SER A 349 -7.75 12.90 -2.63
N GLY A 350 -6.53 13.43 -2.75
CA GLY A 350 -6.21 14.68 -2.09
C GLY A 350 -6.90 15.89 -2.70
N SER A 351 -7.17 15.83 -4.00
CA SER A 351 -7.82 16.94 -4.67
C SER A 351 -9.32 16.97 -4.41
N THR A 352 -9.93 15.80 -4.35
CA THR A 352 -11.37 15.66 -4.15
C THR A 352 -11.80 15.39 -2.73
N GLU A 353 -10.88 14.91 -1.90
CA GLU A 353 -11.20 14.56 -0.53
C GLU A 353 -12.29 13.49 -0.51
N GLY A 354 -12.37 12.72 -1.61
CA GLY A 354 -13.34 11.65 -1.70
C GLY A 354 -14.58 11.97 -2.49
N LEU A 355 -14.79 13.25 -2.78
CA LEU A 355 -15.97 13.69 -3.51
C LEU A 355 -15.92 13.40 -5.01
N SER A 356 -17.09 13.17 -5.60
CA SER A 356 -17.16 12.95 -7.04
C SER A 356 -16.65 14.27 -7.62
N ILE A 357 -15.92 14.23 -8.73
CA ILE A 357 -15.42 15.47 -9.31
C ILE A 357 -16.56 16.46 -9.44
N HIS A 358 -17.72 15.95 -9.84
CA HIS A 358 -18.91 16.77 -10.03
C HIS A 358 -19.10 17.76 -8.89
N GLU A 359 -19.01 17.26 -7.66
CA GLU A 359 -19.17 18.07 -6.46
C GLU A 359 -17.83 18.67 -6.01
N ALA A 360 -16.74 17.95 -6.25
CA ALA A 360 -15.41 18.42 -5.84
C ALA A 360 -14.94 19.65 -6.61
N ARG A 361 -15.17 19.65 -7.92
CA ARG A 361 -14.76 20.75 -8.77
C ARG A 361 -15.27 22.12 -8.31
N ARG A 362 -16.32 22.15 -7.50
CA ARG A 362 -16.87 23.42 -7.03
C ARG A 362 -16.41 23.82 -5.63
N ARG A 363 -15.57 23.00 -5.02
CA ARG A 363 -15.07 23.29 -3.68
C ARG A 363 -13.75 24.04 -3.73
N PRO A 364 -13.49 24.89 -2.73
CA PRO A 364 -12.25 25.69 -2.63
C PRO A 364 -10.99 24.86 -2.49
N PHE A 365 -11.11 23.68 -1.87
CA PHE A 365 -9.94 22.83 -1.68
C PHE A 365 -9.53 22.03 -2.90
N PHE A 366 -10.38 22.02 -3.93
CA PHE A 366 -10.07 21.27 -5.13
C PHE A 366 -8.86 21.83 -5.87
N SER A 367 -7.93 20.94 -6.17
CA SER A 367 -6.70 21.31 -6.90
C SER A 367 -6.78 20.80 -8.33
N LYS A 368 -7.00 21.71 -9.27
CA LYS A 368 -7.08 21.33 -10.67
C LYS A 368 -5.79 20.62 -11.09
N SER A 369 -4.66 21.16 -10.65
CA SER A 369 -3.35 20.61 -10.96
C SER A 369 -3.23 19.16 -10.50
N ASP A 370 -3.56 18.91 -9.24
CA ASP A 370 -3.48 17.55 -8.70
C ASP A 370 -4.39 16.59 -9.46
N TRP A 371 -5.61 17.05 -9.78
CA TRP A 371 -6.54 16.19 -10.50
C TRP A 371 -6.03 15.85 -11.90
N ASP A 372 -5.54 16.85 -12.64
CA ASP A 372 -5.03 16.60 -13.98
C ASP A 372 -3.82 15.66 -13.95
N LEU A 373 -2.97 15.81 -12.94
CA LEU A 373 -1.79 14.96 -12.83
C LEU A 373 -2.21 13.54 -12.43
N ALA A 374 -3.25 13.45 -11.60
CA ALA A 374 -3.74 12.16 -11.18
C ALA A 374 -4.18 11.36 -12.40
N LYS A 375 -4.93 11.99 -13.29
CA LYS A 375 -5.38 11.32 -14.50
C LYS A 375 -4.15 10.94 -15.32
N GLY A 376 -3.19 11.87 -15.36
CA GLY A 376 -1.97 11.64 -16.12
C GLY A 376 -1.16 10.45 -15.64
N ILE A 377 -0.88 10.40 -14.34
CA ILE A 377 -0.10 9.30 -13.80
C ILE A 377 -0.84 7.97 -13.87
N THR A 378 -2.15 8.00 -13.73
CA THR A 378 -2.93 6.77 -13.80
C THR A 378 -2.89 6.25 -15.23
N ASP A 379 -2.88 7.15 -16.20
CA ASP A 379 -2.82 6.73 -17.60
C ASP A 379 -1.46 6.10 -17.84
N THR A 380 -0.41 6.78 -17.39
CA THR A 380 0.96 6.29 -17.55
C THR A 380 1.09 4.88 -16.98
N CYS A 381 0.60 4.70 -15.76
CA CYS A 381 0.70 3.40 -15.12
C CYS A 381 -0.13 2.35 -15.84
N TYR A 382 -1.24 2.78 -16.43
CA TYR A 382 -2.06 1.84 -17.19
C TYR A 382 -1.26 1.43 -18.43
N GLN A 383 -0.54 2.38 -19.03
CA GLN A 383 0.26 2.10 -20.22
C GLN A 383 1.40 1.13 -19.91
N MET A 384 1.79 1.05 -18.65
CA MET A 384 2.86 0.14 -18.26
C MET A 384 2.37 -1.29 -18.37
N TYR A 385 1.05 -1.44 -18.41
CA TYR A 385 0.42 -2.76 -18.56
C TYR A 385 0.07 -2.94 -20.03
N LYS A 386 -0.59 -1.94 -20.60
CA LYS A 386 -1.03 -1.97 -21.98
C LYS A 386 0.12 -2.19 -22.96
N GLN A 387 1.26 -1.55 -22.70
CA GLN A 387 2.41 -1.68 -23.58
C GLN A 387 3.29 -2.87 -23.22
N SER A 388 2.89 -3.62 -22.20
CA SER A 388 3.66 -4.80 -21.80
C SER A 388 3.24 -5.98 -22.67
N SER A 389 4.21 -6.81 -23.03
CA SER A 389 3.96 -7.98 -23.85
C SER A 389 2.94 -8.93 -23.21
N SER A 390 2.92 -8.97 -21.88
CA SER A 390 2.00 -9.83 -21.14
C SER A 390 0.79 -9.06 -20.63
N GLY A 391 0.80 -7.74 -20.83
CA GLY A 391 -0.31 -6.93 -20.37
C GLY A 391 -0.13 -6.66 -18.88
N LEU A 392 1.04 -7.01 -18.36
CA LEU A 392 1.36 -6.81 -16.94
C LEU A 392 2.62 -5.98 -16.80
N ALA A 393 2.57 -4.96 -15.94
CA ALA A 393 3.72 -4.11 -15.72
C ALA A 393 4.74 -4.79 -14.83
N PRO A 394 6.04 -4.66 -15.18
CA PRO A 394 7.11 -5.27 -14.39
C PRO A 394 7.37 -4.46 -13.11
N GLU A 395 8.26 -4.96 -12.27
CA GLU A 395 8.62 -4.31 -11.00
C GLU A 395 9.09 -2.86 -11.15
N ILE A 396 9.94 -2.64 -12.16
CA ILE A 396 10.49 -1.32 -12.42
C ILE A 396 10.58 -1.09 -13.93
N VAL A 397 10.37 0.16 -14.34
CA VAL A 397 10.49 0.53 -15.75
C VAL A 397 11.38 1.76 -15.86
N VAL A 398 11.88 2.02 -17.05
CA VAL A 398 12.72 3.19 -17.29
C VAL A 398 12.10 3.93 -18.46
N PHE A 399 11.47 5.06 -18.19
CA PHE A 399 10.84 5.84 -19.25
C PHE A 399 11.84 6.40 -20.24
N ASN A 400 11.37 6.59 -21.46
CA ASN A 400 12.20 7.12 -22.54
C ASN A 400 12.24 8.64 -22.47
N ASP A 401 13.39 9.19 -22.11
CA ASP A 401 13.57 10.63 -22.03
C ASP A 401 14.40 11.11 -23.21
N GLY A 402 14.51 10.26 -24.23
CA GLY A 402 15.29 10.60 -25.40
C GLY A 402 16.78 10.43 -25.18
N ASN A 403 17.13 9.75 -24.10
CA ASN A 403 18.53 9.50 -23.77
C ASN A 403 18.76 8.06 -23.34
N ILE A 404 18.11 7.13 -24.02
CA ILE A 404 18.25 5.71 -23.71
C ILE A 404 19.36 5.09 -24.56
N LYS A 405 20.23 5.93 -25.10
CA LYS A 405 21.33 5.47 -25.93
C LYS A 405 22.54 5.13 -25.07
N ASP A 407 21.24 -1.15 -23.12
CA ASP A 407 21.74 -2.09 -24.17
C ASP A 407 20.81 -3.28 -24.32
N GLY A 408 20.90 -4.22 -23.37
CA GLY A 408 20.06 -5.40 -23.43
C GLY A 408 18.70 -5.17 -22.81
N TRP A 409 18.22 -3.92 -22.90
CA TRP A 409 16.92 -3.58 -22.34
C TRP A 409 15.79 -3.89 -23.31
N TRP A 410 14.62 -4.16 -22.76
CA TRP A 410 13.44 -4.48 -23.54
C TRP A 410 12.64 -3.20 -23.76
N ARG A 411 12.19 -2.97 -24.99
CA ARG A 411 11.43 -1.77 -25.30
C ARG A 411 9.92 -2.04 -25.34
N SER A 412 9.15 -1.13 -24.76
CA SER A 412 7.70 -1.26 -24.73
C SER A 412 7.12 -1.16 -26.14
N SER A 413 5.88 -1.62 -26.31
CA SER A 413 5.22 -1.60 -27.61
C SER A 413 5.34 -0.26 -28.34
N VAL A 414 5.06 0.83 -27.64
CA VAL A 414 5.13 2.16 -28.22
C VAL A 414 6.53 2.78 -28.08
N GLY A 415 7.28 2.31 -27.09
CA GLY A 415 8.63 2.83 -26.88
C GLY A 415 8.73 3.88 -25.79
N ASP A 416 7.63 4.08 -25.06
CA ASP A 416 7.62 5.07 -23.98
C ASP A 416 8.50 4.68 -22.80
N PHE A 417 8.79 3.39 -22.65
CA PHE A 417 9.64 2.94 -21.56
C PHE A 417 10.36 1.65 -21.89
N PHE A 418 11.40 1.35 -21.11
CA PHE A 418 12.17 0.13 -21.28
C PHE A 418 12.13 -0.66 -19.98
N VAL A 419 12.47 -1.94 -20.08
CA VAL A 419 12.50 -2.81 -18.90
C VAL A 419 13.87 -3.49 -18.85
N LYS A 420 14.61 -3.25 -17.77
CA LYS A 420 15.93 -3.86 -17.63
C LYS A 420 15.79 -5.36 -17.36
N PRO A 421 16.73 -6.15 -17.86
CA PRO A 421 16.72 -7.60 -17.70
C PRO A 421 16.43 -8.08 -16.27
N LEU A 422 16.98 -7.38 -15.29
CA LEU A 422 16.81 -7.76 -13.89
C LEU A 422 15.52 -7.27 -13.23
N ASP A 423 14.76 -6.43 -13.92
CA ASP A 423 13.50 -5.89 -13.36
C ASP A 423 12.27 -6.48 -14.02
N ARG A 424 12.42 -7.59 -14.74
CA ARG A 424 11.33 -8.20 -15.46
C ARG A 424 10.29 -8.95 -14.63
N HIS A 425 10.53 -9.11 -13.34
CA HIS A 425 9.56 -9.82 -12.50
C HIS A 425 8.30 -9.01 -12.18
N ASN A 426 7.23 -9.73 -11.84
CA ASN A 426 5.98 -9.11 -11.43
C ASN A 426 5.57 -9.80 -10.14
N LEU A 427 5.48 -9.03 -9.06
CA LEU A 427 5.15 -9.57 -7.76
C LEU A 427 3.70 -9.38 -7.35
N GLN A 428 2.81 -9.40 -8.33
CA GLN A 428 1.37 -9.29 -8.05
C GLN A 428 1.03 -7.98 -7.33
N ARG A 429 1.79 -6.92 -7.63
CA ARG A 429 1.59 -5.62 -6.98
C ARG A 429 0.30 -4.92 -7.38
N PRO A 430 -0.31 -4.20 -6.43
CA PRO A 430 -1.58 -3.45 -6.55
C PRO A 430 -1.61 -1.98 -6.95
N GLU A 431 -0.47 -1.30 -6.90
CA GLU A 431 -0.47 0.14 -7.15
C GLU A 431 -1.21 0.72 -8.34
N THR A 432 -1.25 0.02 -9.47
CA THR A 432 -1.97 0.56 -10.62
C THR A 432 -3.49 0.33 -10.51
N VAL A 433 -3.90 -0.87 -10.10
CA VAL A 433 -5.34 -1.09 -9.96
C VAL A 433 -5.86 -0.26 -8.80
N GLU A 434 -4.94 0.09 -7.89
CA GLU A 434 -5.27 0.91 -6.73
C GLU A 434 -5.73 2.28 -7.25
N SER A 435 -4.90 2.89 -8.09
CA SER A 435 -5.19 4.19 -8.66
C SER A 435 -6.39 4.14 -9.60
N ILE A 436 -6.52 3.06 -10.35
CA ILE A 436 -7.64 2.92 -11.27
C ILE A 436 -8.95 2.94 -10.51
N MET A 437 -8.98 2.27 -9.36
CA MET A 437 -10.17 2.23 -8.53
C MET A 437 -10.58 3.64 -8.10
N PHE A 438 -9.63 4.39 -7.55
CA PHE A 438 -9.90 5.76 -7.11
C PHE A 438 -10.40 6.60 -8.27
N MET A 439 -9.70 6.54 -9.40
CA MET A 439 -10.11 7.34 -10.55
C MET A 439 -11.52 6.99 -11.01
N TYR A 440 -11.87 5.71 -11.02
CA TYR A 440 -13.21 5.36 -11.46
C TYR A 440 -14.28 5.90 -10.54
N HIS A 441 -14.14 5.65 -9.24
CA HIS A 441 -15.14 6.11 -8.29
C HIS A 441 -15.22 7.62 -8.12
N LEU A 442 -14.14 8.32 -8.41
CA LEU A 442 -14.15 9.78 -8.29
C LEU A 442 -14.57 10.47 -9.59
N SER A 443 -14.30 9.84 -10.73
CA SER A 443 -14.63 10.44 -12.01
C SER A 443 -15.85 9.81 -12.68
N HIS A 444 -16.08 8.55 -12.39
CA HIS A 444 -17.19 7.81 -12.97
C HIS A 444 -16.97 7.60 -14.46
N ASP A 445 -15.74 7.83 -14.91
CA ASP A 445 -15.38 7.64 -16.32
C ASP A 445 -15.27 6.12 -16.49
N HIS A 446 -16.12 5.54 -17.33
CA HIS A 446 -16.13 4.09 -17.53
C HIS A 446 -14.83 3.54 -18.12
N LYS A 447 -14.00 4.44 -18.63
CA LYS A 447 -12.72 4.04 -19.22
C LYS A 447 -11.85 3.31 -18.18
N TYR A 448 -11.99 3.69 -16.92
CA TYR A 448 -11.19 3.08 -15.86
C TYR A 448 -11.62 1.64 -15.57
N ARG A 449 -12.91 1.36 -15.67
CA ARG A 449 -13.37 0.00 -15.45
C ARG A 449 -12.91 -0.90 -16.60
N GLU A 450 -12.76 -0.31 -17.78
CA GLU A 450 -12.31 -1.05 -18.94
C GLU A 450 -10.84 -1.41 -18.74
N TRP A 451 -10.07 -0.45 -18.24
CA TRP A 451 -8.65 -0.66 -17.99
C TRP A 451 -8.51 -1.73 -16.91
N GLY A 452 -9.28 -1.59 -15.84
CA GLY A 452 -9.23 -2.55 -14.76
C GLY A 452 -9.54 -3.96 -15.24
N ALA A 453 -10.53 -4.08 -16.12
CA ALA A 453 -10.94 -5.36 -16.67
C ALA A 453 -9.81 -6.00 -17.46
N GLU A 454 -9.11 -5.20 -18.26
CA GLU A 454 -8.00 -5.69 -19.06
C GLU A 454 -6.88 -6.22 -18.18
N ILE A 455 -6.56 -5.47 -17.13
CA ILE A 455 -5.50 -5.88 -16.21
C ILE A 455 -5.91 -7.13 -15.44
N ALA A 456 -7.17 -7.20 -15.03
CA ALA A 456 -7.66 -8.36 -14.29
C ALA A 456 -7.55 -9.60 -15.19
N THR A 457 -7.83 -9.42 -16.47
CA THR A 457 -7.75 -10.52 -17.42
C THR A 457 -6.29 -10.93 -17.63
N SER A 458 -5.40 -9.94 -17.69
CA SER A 458 -3.98 -10.24 -17.88
C SER A 458 -3.44 -11.01 -16.68
N PHE A 459 -3.90 -10.69 -15.48
CA PHE A 459 -3.46 -11.41 -14.29
C PHE A 459 -4.00 -12.83 -14.35
N PHE A 460 -5.26 -12.94 -14.76
CA PHE A 460 -5.92 -14.23 -14.86
C PHE A 460 -5.19 -15.15 -15.83
N GLU A 461 -4.91 -14.63 -17.02
CA GLU A 461 -4.25 -15.40 -18.06
C GLU A 461 -2.74 -15.58 -17.92
N ASN A 462 -2.06 -14.59 -17.37
CA ASN A 462 -0.61 -14.69 -17.27
C ASN A 462 0.03 -15.02 -15.93
N THR A 463 -0.77 -15.24 -14.89
CA THR A 463 -0.22 -15.62 -13.59
C THR A 463 -0.89 -16.89 -13.07
N CYS A 464 -1.80 -17.45 -13.88
CA CYS A 464 -2.50 -18.68 -13.47
C CYS A 464 -1.63 -19.92 -13.64
N VAL A 465 -1.90 -20.92 -12.80
CA VAL A 465 -1.22 -22.21 -12.84
C VAL A 465 -2.41 -23.16 -12.93
N ASP A 466 -2.32 -24.18 -13.78
CA ASP A 466 -3.44 -25.10 -13.97
C ASP A 466 -4.61 -24.21 -14.40
N CYS A 467 -4.31 -23.35 -15.37
CA CYS A 467 -5.25 -22.37 -15.90
C CYS A 467 -6.56 -22.92 -16.45
N ASN A 468 -6.54 -24.17 -16.92
CA ASN A 468 -7.73 -24.77 -17.50
C ASN A 468 -8.55 -25.65 -16.56
N ASP A 469 -8.20 -25.67 -15.28
CA ASP A 469 -8.94 -26.48 -14.32
C ASP A 469 -9.31 -25.62 -13.11
N PRO A 470 -10.56 -25.10 -13.08
CA PRO A 470 -11.03 -24.26 -11.98
C PRO A 470 -10.92 -24.91 -10.60
N LYS A 471 -10.75 -26.23 -10.58
CA LYS A 471 -10.64 -26.96 -9.33
C LYS A 471 -9.23 -26.91 -8.75
N LEU A 472 -8.24 -26.70 -9.61
CA LEU A 472 -6.85 -26.63 -9.18
C LEU A 472 -6.18 -25.30 -9.52
N ARG A 473 -6.87 -24.49 -10.30
CA ARG A 473 -6.34 -23.20 -10.70
C ARG A 473 -5.96 -22.31 -9.51
N ARG A 474 -4.86 -21.59 -9.67
CA ARG A 474 -4.38 -20.66 -8.66
C ARG A 474 -3.51 -19.61 -9.33
N PHE A 475 -3.11 -18.59 -8.59
CA PHE A 475 -2.34 -17.49 -9.16
C PHE A 475 -1.06 -17.23 -8.38
N THR A 476 0.01 -16.96 -9.10
CA THR A 476 1.31 -16.77 -8.47
C THR A 476 2.14 -15.62 -9.09
N SER A 477 3.22 -15.24 -8.42
CA SER A 477 4.09 -14.18 -8.91
C SER A 477 4.88 -14.67 -10.11
N LEU A 478 5.49 -13.74 -10.82
CA LEU A 478 6.27 -14.06 -12.01
C LEU A 478 7.72 -13.61 -11.87
N SER A 479 8.64 -14.45 -12.29
CA SER A 479 10.05 -14.10 -12.25
C SER A 479 10.32 -13.28 -13.52
N ASP A 480 9.45 -13.47 -14.52
CA ASP A 480 9.57 -12.76 -15.79
C ASP A 480 8.18 -12.55 -16.39
N CYS A 481 7.73 -11.30 -16.48
CA CYS A 481 6.42 -11.02 -17.05
C CYS A 481 6.55 -10.42 -18.45
N ILE A 482 7.76 -10.37 -18.98
CA ILE A 482 7.99 -9.82 -20.30
C ILE A 482 8.08 -10.94 -21.35
N THR A 483 8.62 -12.09 -20.97
CA THR A 483 8.72 -13.22 -21.88
C THR A 483 7.36 -13.90 -21.95
N LEU A 484 7.05 -14.48 -23.10
CA LEU A 484 5.78 -15.18 -23.29
C LEU A 484 6.05 -16.60 -23.77
N PRO A 485 5.50 -17.61 -23.07
CA PRO A 485 4.65 -17.46 -21.89
C PRO A 485 5.44 -16.93 -20.70
N THR A 486 4.77 -16.27 -19.77
CA THR A 486 5.44 -15.71 -18.60
C THR A 486 6.07 -16.81 -17.75
N LYS A 487 7.12 -16.45 -17.02
CA LYS A 487 7.81 -17.41 -16.15
C LYS A 487 7.34 -17.21 -14.71
N LYS A 488 6.75 -18.26 -14.15
CA LYS A 488 6.21 -18.21 -12.80
C LYS A 488 7.21 -18.46 -11.67
N SER A 489 6.98 -17.75 -10.57
CA SER A 489 7.80 -17.85 -9.37
C SER A 489 6.91 -18.50 -8.32
N ASN A 490 7.48 -19.37 -7.49
CA ASN A 490 6.71 -20.07 -6.47
C ASN A 490 6.44 -19.24 -5.21
N ASN A 491 5.59 -18.21 -5.34
CA ASN A 491 5.25 -17.37 -4.20
C ASN A 491 4.02 -16.51 -4.46
N MET A 492 3.13 -16.46 -3.48
CA MET A 492 1.92 -15.63 -3.55
C MET A 492 2.07 -14.55 -2.48
N GLU A 493 2.14 -13.30 -2.91
CA GLU A 493 2.27 -12.19 -1.97
C GLU A 493 0.96 -12.00 -1.21
N SER A 494 1.04 -11.67 0.08
CA SER A 494 -0.19 -11.49 0.83
C SER A 494 -1.02 -10.37 0.22
N PHE A 495 -0.35 -9.39 -0.37
CA PHE A 495 -1.07 -8.27 -0.94
C PHE A 495 -1.82 -8.57 -2.24
N TRP A 496 -1.59 -9.75 -2.80
CA TRP A 496 -2.33 -10.17 -3.99
C TRP A 496 -3.78 -10.25 -3.51
N LEU A 497 -3.95 -10.75 -2.29
CA LEU A 497 -5.26 -10.90 -1.68
C LEU A 497 -5.72 -9.67 -0.92
N ALA A 498 -4.81 -9.04 -0.19
CA ALA A 498 -5.16 -7.88 0.60
C ALA A 498 -5.38 -6.62 -0.23
N GLU A 499 -4.67 -6.51 -1.35
CA GLU A 499 -4.76 -5.31 -2.16
C GLU A 499 -5.16 -5.41 -3.62
N THR A 500 -4.40 -6.17 -4.39
CA THR A 500 -4.66 -6.28 -5.82
C THR A 500 -6.08 -6.73 -6.13
N LEU A 501 -6.49 -7.86 -5.57
CA LEU A 501 -7.84 -8.34 -5.81
C LEU A 501 -8.87 -7.45 -5.12
N LYS A 502 -8.51 -6.85 -3.98
CA LYS A 502 -9.45 -5.97 -3.28
C LYS A 502 -9.76 -4.71 -4.10
N TYR A 503 -8.73 -4.06 -4.61
CA TYR A 503 -8.95 -2.85 -5.39
C TYR A 503 -9.68 -3.16 -6.69
N LEU A 504 -9.41 -4.33 -7.28
CA LEU A 504 -10.10 -4.70 -8.51
C LEU A 504 -11.57 -4.91 -8.18
N TYR A 505 -11.83 -5.53 -7.04
CA TYR A 505 -13.19 -5.80 -6.62
C TYR A 505 -13.96 -4.50 -6.37
N ILE A 506 -13.35 -3.60 -5.62
CA ILE A 506 -14.00 -2.32 -5.32
C ILE A 506 -14.26 -1.54 -6.60
N LEU A 507 -13.37 -1.67 -7.57
CA LEU A 507 -13.53 -0.99 -8.84
C LEU A 507 -14.87 -1.32 -9.48
N PHE A 508 -15.33 -2.56 -9.30
CA PHE A 508 -16.60 -2.97 -9.91
C PHE A 508 -17.79 -2.97 -8.96
N LEU A 509 -17.63 -2.29 -7.84
CA LEU A 509 -18.70 -2.13 -6.88
C LEU A 509 -19.35 -0.87 -7.44
N ASP A 510 -20.67 -0.85 -7.58
CA ASP A 510 -21.33 0.32 -8.14
C ASP A 510 -21.43 1.49 -7.17
N GLU A 511 -21.29 1.21 -5.89
CA GLU A 511 -21.34 2.26 -4.90
C GLU A 511 -20.26 2.09 -3.84
N PHE A 512 -19.40 3.09 -3.73
CA PHE A 512 -18.32 3.07 -2.75
C PHE A 512 -18.00 4.51 -2.40
N ASP A 513 -18.39 4.91 -1.19
CA ASP A 513 -18.19 6.28 -0.73
C ASP A 513 -16.79 6.52 -0.19
N LEU A 514 -15.95 7.14 -1.01
CA LEU A 514 -14.58 7.43 -0.64
C LEU A 514 -14.45 8.59 0.35
N THR A 515 -15.57 9.17 0.77
CA THR A 515 -15.52 10.26 1.73
C THR A 515 -15.62 9.72 3.14
N LYS A 516 -15.99 8.44 3.27
CA LYS A 516 -16.16 7.84 4.59
C LYS A 516 -15.07 6.85 5.00
N VAL A 517 -14.11 6.64 4.13
CA VAL A 517 -13.04 5.69 4.44
C VAL A 517 -11.69 6.17 3.92
N VAL A 518 -10.63 5.77 4.62
CA VAL A 518 -9.27 6.08 4.21
C VAL A 518 -8.55 4.74 4.27
N PHE A 519 -7.94 4.33 3.17
CA PHE A 519 -7.23 3.05 3.12
C PHE A 519 -5.81 3.21 3.67
N ASN A 520 -5.36 2.25 4.48
CA ASN A 520 -3.98 2.33 4.95
C ASN A 520 -3.17 1.89 3.72
N THR A 521 -1.86 1.84 3.83
CA THR A 521 -1.07 1.52 2.65
C THR A 521 -1.14 0.07 2.18
N GLU A 522 -1.79 -0.78 2.95
CA GLU A 522 -1.95 -2.18 2.56
C GLU A 522 -3.43 -2.40 2.24
N ALA A 523 -4.09 -1.32 1.80
CA ALA A 523 -5.51 -1.36 1.42
C ALA A 523 -6.45 -1.79 2.53
N HIS A 524 -6.09 -1.50 3.77
CA HIS A 524 -6.96 -1.82 4.90
C HIS A 524 -7.75 -0.56 5.21
N PRO A 525 -9.06 -0.57 4.94
CA PRO A 525 -9.89 0.61 5.17
C PRO A 525 -10.23 0.96 6.61
N PHE A 526 -9.99 2.22 6.97
CA PHE A 526 -10.30 2.74 8.30
C PHE A 526 -11.38 3.78 8.08
N PRO A 527 -12.24 4.00 9.07
CA PRO A 527 -13.28 5.02 8.88
C PRO A 527 -12.70 6.41 9.11
N VAL A 528 -13.27 7.42 8.47
CA VAL A 528 -12.83 8.79 8.70
C VAL A 528 -13.26 9.08 10.14
N LEU A 529 -12.35 9.59 10.96
CA LEU A 529 -12.63 9.83 12.37
C LEU A 529 -13.38 11.13 12.65
N ASP A 530 -14.28 11.08 13.63
CA ASP A 530 -15.06 12.26 14.01
C ASP A 530 -14.21 13.26 14.79
N GLU A 531 -14.09 14.47 14.25
CA GLU A 531 -13.29 15.53 14.87
C GLU A 531 -13.64 15.80 16.33
N GLU A 532 -14.93 15.84 16.64
CA GLU A 532 -15.36 16.11 18.00
C GLU A 532 -14.89 15.04 18.98
N ILE A 533 -14.96 13.77 18.57
CA ILE A 533 -14.52 12.69 19.43
C ILE A 533 -13.01 12.76 19.66
N LEU A 534 -12.28 13.15 18.61
CA LEU A 534 -10.84 13.28 18.72
C LEU A 534 -10.53 14.36 19.76
N LYS A 535 -11.29 15.46 19.70
CA LYS A 535 -11.10 16.56 20.63
C LYS A 535 -11.35 16.12 22.08
N SER A 536 -12.45 15.41 22.29
CA SER A 536 -12.80 14.94 23.63
C SER A 536 -11.79 13.95 24.20
N GLN A 537 -11.07 13.26 23.31
CA GLN A 537 -10.07 12.28 23.73
C GLN A 537 -8.69 12.92 23.84
N SER A 538 -8.63 14.22 23.58
CA SER A 538 -7.37 14.95 23.64
C SER A 538 -6.38 14.44 22.60
N LEU A 539 -6.90 14.10 21.43
CA LEU A 539 -6.06 13.64 20.34
C LEU A 539 -5.94 14.80 19.37
N THR A 540 -4.88 15.57 19.52
CA THR A 540 -4.65 16.72 18.66
C THR A 540 -3.21 16.71 18.17
N THR A 541 -2.92 17.62 17.24
CA THR A 541 -1.59 17.73 16.68
C THR A 541 -0.66 18.27 17.78
N GLY A 542 0.27 17.42 18.21
CA GLY A 542 1.18 17.76 19.27
C GLY A 542 2.46 18.50 18.89
N TRP A 543 2.53 18.96 17.65
CA TRP A 543 3.69 19.70 17.19
C TRP A 543 3.23 20.62 16.08
N SER A 544 4.12 21.51 15.64
CA SER A 544 3.76 22.40 14.56
C SER A 544 5.02 22.85 13.84
N LEU A 545 4.84 23.63 12.78
CA LEU A 545 5.97 24.09 12.00
C LEU A 545 5.60 25.39 11.30
#